data_2IDF
#
_entry.id   2IDF
#
_cell.length_a   48.004
_cell.length_b   48.004
_cell.length_c   283.399
_cell.angle_alpha   90.00
_cell.angle_beta   90.00
_cell.angle_gamma   120.00
#
_symmetry.space_group_name_H-M   'P 61'
#
loop_
_entity.id
_entity.type
_entity.pdbx_description
1 polymer Azurin
2 non-polymer 'COPPER (II) ION'
3 non-polymer 'NICKEL (II) ION'
4 non-polymer TRIS-HYDROXYMETHYL-METHYL-AMMONIUM
5 non-polymer 1-[PYRROL-1-YL-2,5-DIONE-METHOXYMETHYL]-PYRROLE-2,5-DIONE
6 water water
#
_entity_poly.entity_id   1
_entity_poly.type   'polypeptide(L)'
_entity_poly.pdbx_seq_one_letter_code
;AECSVDIQGNDQMQFNTNAITVDKSCKQFTVNLSHPGNLPKCVMGHNWVLSTAADMQGVVTDGEASGLDKDYLKPDDSRV
IAHTKLIGSGEKDSVTFDVSKLKEGEQYMFFCTFPGHSALMKGTLTLK
;
_entity_poly.pdbx_strand_id   A,B
#
# COMPACT_ATOMS: atom_id res chain seq x y z
N ALA A 1 -25.17 -20.22 15.09
CA ALA A 1 -24.44 -19.07 14.46
C ALA A 1 -23.49 -19.57 13.39
N GLU A 2 -23.16 -18.68 12.45
CA GLU A 2 -22.24 -19.00 11.37
C GLU A 2 -20.81 -18.97 11.89
N CYS A 3 -19.97 -19.84 11.34
CA CYS A 3 -18.57 -19.91 11.75
C CYS A 3 -17.58 -19.80 10.59
N SER A 4 -17.94 -18.98 9.60
CA SER A 4 -17.07 -18.75 8.46
C SER A 4 -17.38 -17.37 7.89
N VAL A 5 -16.44 -16.82 7.13
CA VAL A 5 -16.62 -15.51 6.52
C VAL A 5 -15.82 -15.46 5.23
N ASP A 6 -16.37 -14.79 4.21
CA ASP A 6 -15.68 -14.65 2.94
C ASP A 6 -15.08 -13.25 2.86
N ILE A 7 -13.79 -13.18 2.59
CA ILE A 7 -13.09 -11.90 2.50
C ILE A 7 -12.40 -11.71 1.15
N GLN A 8 -12.40 -10.47 0.68
CA GLN A 8 -11.77 -10.13 -0.59
C GLN A 8 -10.69 -9.08 -0.44
N GLY A 9 -9.60 -9.28 -1.18
CA GLY A 9 -8.50 -8.33 -1.20
C GLY A 9 -8.38 -7.93 -2.66
N ASN A 10 -8.51 -6.65 -2.97
CA ASN A 10 -8.43 -6.20 -4.36
C ASN A 10 -7.12 -5.51 -4.78
N ASP A 11 -7.16 -4.88 -5.94
CA ASP A 11 -5.99 -4.18 -6.47
C ASP A 11 -5.75 -2.84 -5.78
N GLN A 12 -6.79 -2.30 -5.14
CA GLN A 12 -6.67 -1.03 -4.42
C GLN A 12 -6.11 -1.27 -3.02
N MET A 13 -5.59 -2.47 -2.80
CA MET A 13 -4.97 -2.83 -1.53
C MET A 13 -5.96 -2.72 -0.36
N GLN A 14 -7.10 -3.40 -0.46
CA GLN A 14 -8.09 -3.32 0.60
C GLN A 14 -8.96 -4.57 0.81
N PHE A 15 -9.31 -4.82 2.07
CA PHE A 15 -10.16 -5.94 2.45
C PHE A 15 -11.60 -5.42 2.45
N ASN A 16 -12.56 -6.28 2.13
CA ASN A 16 -13.95 -5.84 2.12
C ASN A 16 -14.57 -5.89 3.51
N THR A 17 -13.71 -5.90 4.54
CA THR A 17 -14.15 -5.92 5.93
C THR A 17 -13.00 -5.45 6.83
N ASN A 18 -13.33 -4.76 7.93
CA ASN A 18 -12.31 -4.26 8.84
C ASN A 18 -12.53 -4.78 10.25
N ALA A 19 -13.50 -5.68 10.40
CA ALA A 19 -13.81 -6.25 11.69
C ALA A 19 -14.51 -7.61 11.55
N ILE A 20 -14.09 -8.56 12.37
CA ILE A 20 -14.67 -9.90 12.36
C ILE A 20 -15.07 -10.28 13.77
N THR A 21 -16.19 -10.96 13.89
CA THR A 21 -16.65 -11.42 15.20
C THR A 21 -16.80 -12.93 15.14
N VAL A 22 -16.13 -13.62 16.04
CA VAL A 22 -16.21 -15.08 16.09
C VAL A 22 -17.14 -15.47 17.25
N ASP A 23 -18.32 -15.97 16.91
CA ASP A 23 -19.26 -16.37 17.94
C ASP A 23 -18.66 -17.47 18.81
N LYS A 24 -18.71 -17.26 20.12
CA LYS A 24 -18.19 -18.18 21.11
C LYS A 24 -18.73 -19.61 20.99
N SER A 25 -19.87 -19.76 20.32
CA SER A 25 -20.47 -21.09 20.17
C SER A 25 -19.79 -21.87 19.05
N CYS A 26 -18.87 -21.21 18.35
CA CYS A 26 -18.13 -21.85 17.26
C CYS A 26 -17.01 -22.70 17.83
N LYS A 27 -16.76 -23.85 17.21
CA LYS A 27 -15.68 -24.72 17.67
C LYS A 27 -14.48 -24.53 16.76
N GLN A 28 -14.79 -24.19 15.50
CA GLN A 28 -13.80 -23.94 14.48
C GLN A 28 -14.30 -22.72 13.71
N PHE A 29 -13.39 -21.99 13.06
CA PHE A 29 -13.77 -20.83 12.27
C PHE A 29 -13.00 -20.85 10.96
N THR A 30 -13.71 -20.59 9.88
CA THR A 30 -13.11 -20.61 8.56
C THR A 30 -13.14 -19.26 7.86
N VAL A 31 -12.06 -18.95 7.15
CA VAL A 31 -11.96 -17.70 6.40
C VAL A 31 -11.65 -18.04 4.95
N ASN A 32 -12.50 -17.57 4.05
CA ASN A 32 -12.30 -17.80 2.63
C ASN A 32 -11.79 -16.53 1.97
N LEU A 33 -10.52 -16.55 1.59
CA LEU A 33 -9.90 -15.40 0.95
C LEU A 33 -9.93 -15.52 -0.58
N SER A 34 -10.28 -14.44 -1.26
CA SER A 34 -10.32 -14.43 -2.73
C SER A 34 -9.77 -13.11 -3.26
N HIS A 35 -9.06 -13.18 -4.39
CA HIS A 35 -8.45 -12.00 -5.01
C HIS A 35 -9.14 -11.57 -6.32
N PRO A 36 -10.13 -10.67 -6.22
CA PRO A 36 -10.88 -10.17 -7.39
C PRO A 36 -10.15 -9.15 -8.26
N GLY A 37 -8.86 -8.98 -8.02
CA GLY A 37 -8.09 -8.01 -8.81
C GLY A 37 -7.51 -8.68 -10.05
N ASN A 38 -6.60 -7.97 -10.72
CA ASN A 38 -5.97 -8.51 -11.93
C ASN A 38 -4.45 -8.51 -11.80
N LEU A 39 -3.96 -7.95 -10.70
CA LEU A 39 -2.52 -7.89 -10.45
C LEU A 39 -1.99 -9.19 -9.86
N PRO A 40 -0.76 -9.59 -10.24
CA PRO A 40 -0.13 -10.81 -9.75
C PRO A 40 0.38 -10.74 -8.31
N LYS A 41 0.44 -11.89 -7.68
CA LYS A 41 0.91 -12.06 -6.31
C LYS A 41 2.17 -11.23 -5.99
N CYS A 42 3.14 -11.26 -6.91
CA CYS A 42 4.40 -10.55 -6.75
C CYS A 42 4.32 -9.03 -6.57
N VAL A 43 3.19 -8.46 -6.96
CA VAL A 43 2.99 -7.02 -6.86
C VAL A 43 1.77 -6.60 -6.02
N MET A 44 0.79 -7.48 -5.90
CA MET A 44 -0.41 -7.18 -5.12
C MET A 44 -0.89 -8.43 -4.36
N GLY A 45 0.06 -9.22 -3.87
CA GLY A 45 -0.28 -10.42 -3.13
C GLY A 45 -0.88 -10.14 -1.76
N HIS A 46 -1.97 -10.84 -1.45
CA HIS A 46 -2.65 -10.67 -0.18
C HIS A 46 -2.79 -12.00 0.56
N ASN A 47 -2.61 -11.98 1.87
CA ASN A 47 -2.80 -13.15 2.71
C ASN A 47 -3.60 -12.64 3.90
N TRP A 48 -4.21 -13.56 4.66
CA TRP A 48 -4.99 -13.17 5.83
C TRP A 48 -4.28 -13.80 7.01
N VAL A 49 -3.70 -12.96 7.87
CA VAL A 49 -2.95 -13.44 9.04
C VAL A 49 -3.58 -12.94 10.34
N LEU A 50 -3.69 -13.84 11.32
CA LEU A 50 -4.29 -13.51 12.59
C LEU A 50 -3.31 -13.63 13.75
N SER A 51 -3.26 -12.60 14.60
CA SER A 51 -2.40 -12.62 15.77
C SER A 51 -3.04 -11.68 16.78
N THR A 52 -2.48 -11.60 17.98
CA THR A 52 -3.00 -10.66 18.96
C THR A 52 -2.60 -9.28 18.44
N ALA A 53 -3.29 -8.25 18.92
CA ALA A 53 -2.97 -6.89 18.51
C ALA A 53 -1.52 -6.55 18.80
N ALA A 54 -1.03 -6.97 19.96
CA ALA A 54 0.34 -6.70 20.38
C ALA A 54 1.42 -7.34 19.50
N ASP A 55 1.11 -8.51 18.95
CA ASP A 55 2.08 -9.21 18.10
C ASP A 55 2.10 -8.77 16.65
N MET A 56 1.02 -8.13 16.20
CA MET A 56 0.93 -7.69 14.81
C MET A 56 2.15 -7.02 14.20
N GLN A 57 2.65 -5.96 14.82
CA GLN A 57 3.81 -5.27 14.27
C GLN A 57 4.98 -6.22 14.07
N GLY A 58 5.27 -7.03 15.08
CA GLY A 58 6.36 -7.98 14.98
C GLY A 58 6.20 -8.92 13.80
N VAL A 59 5.01 -9.49 13.66
CA VAL A 59 4.71 -10.41 12.57
C VAL A 59 4.86 -9.73 11.21
N VAL A 60 4.36 -8.51 11.10
CA VAL A 60 4.43 -7.75 9.84
C VAL A 60 5.88 -7.44 9.46
N THR A 61 6.66 -6.97 10.41
CA THR A 61 8.06 -6.64 10.14
C THR A 61 8.86 -7.86 9.70
N ASP A 62 8.80 -8.93 10.47
CA ASP A 62 9.54 -10.15 10.12
C ASP A 62 8.99 -10.81 8.85
N GLY A 63 7.69 -10.68 8.64
CA GLY A 63 7.08 -11.27 7.45
C GLY A 63 7.53 -10.59 6.17
N GLU A 64 7.50 -9.26 6.16
CA GLU A 64 7.90 -8.51 4.98
C GLU A 64 9.36 -8.78 4.62
N ALA A 65 10.18 -9.02 5.64
CA ALA A 65 11.59 -9.29 5.44
C ALA A 65 11.88 -10.71 4.96
N SER A 66 10.89 -11.60 5.10
CA SER A 66 11.07 -12.99 4.70
C SER A 66 10.97 -13.24 3.19
N GLY A 67 10.41 -12.30 2.44
CA GLY A 67 10.31 -12.46 1.01
C GLY A 67 9.06 -13.14 0.49
N LEU A 68 8.89 -13.07 -0.83
CA LEU A 68 7.74 -13.65 -1.53
C LEU A 68 7.72 -15.19 -1.48
N ASP A 69 8.88 -15.81 -1.54
CA ASP A 69 8.97 -17.27 -1.53
C ASP A 69 8.44 -17.85 -0.21
N LYS A 70 8.47 -17.06 0.85
CA LYS A 70 7.99 -17.51 2.16
C LYS A 70 6.59 -16.95 2.43
N ASP A 71 5.94 -16.44 1.39
CA ASP A 71 4.61 -15.85 1.52
C ASP A 71 4.63 -14.69 2.53
N TYR A 72 5.81 -14.11 2.72
CA TYR A 72 6.02 -12.99 3.64
C TYR A 72 5.67 -13.27 5.08
N LEU A 73 6.12 -14.42 5.58
CA LEU A 73 5.90 -14.81 6.96
C LEU A 73 7.15 -15.51 7.44
N LYS A 74 7.76 -14.97 8.50
CA LYS A 74 8.95 -15.60 9.05
C LYS A 74 8.59 -17.04 9.35
N PRO A 75 9.39 -18.00 8.87
CA PRO A 75 9.06 -19.40 9.14
C PRO A 75 8.95 -19.71 10.64
N ASP A 76 8.04 -20.61 10.99
CA ASP A 76 7.82 -21.01 12.37
C ASP A 76 7.55 -19.84 13.32
N ASP A 77 6.75 -18.87 12.87
CA ASP A 77 6.43 -17.72 13.71
C ASP A 77 5.26 -18.15 14.61
N SER A 78 5.55 -18.34 15.90
CA SER A 78 4.55 -18.79 16.84
C SER A 78 3.49 -17.75 17.18
N ARG A 79 3.67 -16.52 16.72
CA ARG A 79 2.71 -15.46 17.01
C ARG A 79 1.50 -15.52 16.08
N VAL A 80 1.65 -16.23 14.96
CA VAL A 80 0.57 -16.38 14.00
C VAL A 80 -0.38 -17.48 14.43
N ILE A 81 -1.57 -17.07 14.86
CA ILE A 81 -2.59 -18.02 15.32
C ILE A 81 -3.13 -18.82 14.14
N ALA A 82 -3.33 -18.14 13.03
CA ALA A 82 -3.83 -18.77 11.81
C ALA A 82 -3.52 -17.84 10.63
N HIS A 83 -3.60 -18.39 9.41
CA HIS A 83 -3.31 -17.61 8.22
C HIS A 83 -3.57 -18.42 6.95
N THR A 84 -3.87 -17.72 5.86
CA THR A 84 -4.09 -18.35 4.57
C THR A 84 -2.75 -18.18 3.83
N LYS A 85 -2.69 -18.66 2.59
CA LYS A 85 -1.48 -18.52 1.77
C LYS A 85 -1.54 -17.13 1.12
N LEU A 86 -0.45 -16.72 0.49
CA LEU A 86 -0.44 -15.44 -0.21
C LEU A 86 -1.05 -15.78 -1.57
N ILE A 87 -2.06 -15.02 -1.99
CA ILE A 87 -2.71 -15.28 -3.27
C ILE A 87 -2.66 -14.08 -4.23
N GLY A 88 -2.57 -14.37 -5.52
CA GLY A 88 -2.54 -13.33 -6.53
C GLY A 88 -3.91 -13.16 -7.16
N SER A 89 -3.98 -12.46 -8.28
CA SER A 89 -5.25 -12.23 -8.97
C SER A 89 -5.94 -13.53 -9.37
N GLY A 90 -7.27 -13.55 -9.22
CA GLY A 90 -8.04 -14.73 -9.58
C GLY A 90 -7.86 -15.97 -8.71
N GLU A 91 -7.04 -15.87 -7.66
CA GLU A 91 -6.81 -17.01 -6.78
C GLU A 91 -7.65 -16.91 -5.51
N LYS A 92 -7.71 -18.01 -4.78
CA LYS A 92 -8.48 -18.05 -3.54
C LYS A 92 -7.85 -19.09 -2.61
N ASP A 93 -8.09 -18.92 -1.32
CA ASP A 93 -7.55 -19.85 -0.34
C ASP A 93 -8.34 -19.75 0.95
N SER A 94 -8.48 -20.88 1.63
CA SER A 94 -9.22 -20.93 2.88
C SER A 94 -8.40 -21.48 4.03
N VAL A 95 -8.72 -21.00 5.23
CA VAL A 95 -8.07 -21.47 6.43
C VAL A 95 -9.16 -21.69 7.46
N THR A 96 -8.99 -22.74 8.25
CA THR A 96 -9.92 -23.11 9.30
C THR A 96 -9.06 -23.35 10.52
N PHE A 97 -9.45 -22.79 11.66
CA PHE A 97 -8.70 -22.98 12.88
C PHE A 97 -9.63 -23.22 14.06
N ASP A 98 -9.07 -23.75 15.15
CA ASP A 98 -9.86 -24.04 16.35
C ASP A 98 -10.12 -22.79 17.14
N VAL A 99 -11.40 -22.52 17.40
CA VAL A 99 -11.78 -21.35 18.17
C VAL A 99 -11.21 -21.41 19.58
N SER A 100 -10.82 -22.60 20.03
CA SER A 100 -10.25 -22.72 21.36
C SER A 100 -8.90 -21.99 21.44
N LYS A 101 -8.36 -21.62 20.29
CA LYS A 101 -7.09 -20.89 20.27
C LYS A 101 -7.31 -19.41 20.60
N LEU A 102 -8.57 -19.02 20.75
CA LEU A 102 -8.92 -17.65 21.08
C LEU A 102 -9.49 -17.57 22.50
N LYS A 103 -9.30 -16.44 23.15
CA LYS A 103 -9.81 -16.23 24.50
C LYS A 103 -10.61 -14.93 24.51
N GLU A 104 -11.56 -14.84 25.42
CA GLU A 104 -12.39 -13.64 25.51
C GLU A 104 -11.62 -12.56 26.25
N GLY A 105 -11.87 -11.31 25.88
CA GLY A 105 -11.17 -10.21 26.51
C GLY A 105 -9.88 -9.86 25.81
N GLU A 106 -9.35 -10.79 25.01
CA GLU A 106 -8.11 -10.55 24.28
C GLU A 106 -8.40 -9.79 22.99
N GLN A 107 -7.43 -9.00 22.54
CA GLN A 107 -7.58 -8.22 21.31
C GLN A 107 -6.81 -8.87 20.17
N TYR A 108 -7.52 -9.19 19.08
CA TYR A 108 -6.90 -9.81 17.92
C TYR A 108 -6.99 -8.93 16.67
N MET A 109 -5.99 -9.06 15.80
CA MET A 109 -5.94 -8.30 14.56
C MET A 109 -5.68 -9.23 13.39
N PHE A 110 -6.34 -8.98 12.27
CA PHE A 110 -6.08 -9.76 11.07
C PHE A 110 -5.49 -8.73 10.12
N PHE A 111 -4.56 -9.16 9.27
CA PHE A 111 -3.89 -8.23 8.38
C PHE A 111 -3.16 -8.98 7.26
N CYS A 112 -2.69 -8.23 6.27
CA CYS A 112 -1.92 -8.80 5.17
C CYS A 112 -0.46 -8.45 5.47
N THR A 113 0.46 -9.38 5.23
CA THR A 113 1.86 -9.12 5.50
C THR A 113 2.69 -8.87 4.23
N PHE A 114 2.02 -8.50 3.14
CA PHE A 114 2.74 -8.19 1.90
C PHE A 114 3.32 -6.79 2.16
N PRO A 115 4.61 -6.60 1.90
CA PRO A 115 5.28 -5.30 2.11
C PRO A 115 4.39 -4.06 2.07
N GLY A 116 4.22 -3.45 3.24
CA GLY A 116 3.44 -2.23 3.37
C GLY A 116 1.91 -2.29 3.40
N HIS A 117 1.33 -3.42 3.00
CA HIS A 117 -0.12 -3.55 2.97
C HIS A 117 -0.89 -3.43 4.29
N SER A 118 -0.29 -3.88 5.38
CA SER A 118 -0.95 -3.82 6.70
C SER A 118 -1.36 -2.41 7.13
N ALA A 119 -0.79 -1.40 6.49
CA ALA A 119 -1.13 -0.01 6.80
C ALA A 119 -2.64 0.18 6.55
N LEU A 120 -3.14 -0.43 5.48
CA LEU A 120 -4.55 -0.31 5.15
C LEU A 120 -5.28 -1.64 5.31
N MET A 121 -4.62 -2.74 4.97
CA MET A 121 -5.24 -4.06 5.08
C MET A 121 -5.09 -4.68 6.46
N LYS A 122 -6.02 -4.36 7.33
CA LYS A 122 -6.00 -4.89 8.67
C LYS A 122 -7.39 -4.66 9.26
N GLY A 123 -7.69 -5.36 10.34
CA GLY A 123 -8.98 -5.21 10.97
C GLY A 123 -8.92 -5.91 12.31
N THR A 124 -10.02 -5.85 13.05
CA THR A 124 -10.08 -6.49 14.36
C THR A 124 -10.85 -7.82 14.28
N LEU A 125 -10.51 -8.73 15.18
CA LEU A 125 -11.21 -10.01 15.26
C LEU A 125 -11.49 -10.18 16.75
N THR A 126 -12.74 -10.45 17.10
CA THR A 126 -13.12 -10.62 18.50
C THR A 126 -13.93 -11.88 18.75
N LEU A 127 -13.70 -12.49 19.91
CA LEU A 127 -14.43 -13.68 20.32
C LEU A 127 -15.55 -13.22 21.27
N LYS A 128 -16.78 -13.17 20.76
CA LYS A 128 -17.92 -12.74 21.58
C LYS A 128 -18.97 -13.83 21.76
N ALA B 1 12.30 33.35 -1.83
CA ALA B 1 11.73 32.08 -1.31
C ALA B 1 12.40 30.87 -1.96
N GLU B 2 12.43 29.77 -1.24
CA GLU B 2 13.02 28.52 -1.73
C GLU B 2 12.13 27.94 -2.83
N CYS B 3 12.75 27.28 -3.81
CA CYS B 3 11.99 26.67 -4.89
C CYS B 3 12.30 25.18 -5.09
N SER B 4 12.58 24.50 -4.00
CA SER B 4 12.83 23.06 -4.06
C SER B 4 12.36 22.42 -2.75
N VAL B 5 12.28 21.11 -2.74
CA VAL B 5 11.85 20.38 -1.55
C VAL B 5 12.41 18.97 -1.63
N ASP B 6 12.82 18.42 -0.49
CA ASP B 6 13.33 17.07 -0.45
C ASP B 6 12.26 16.14 0.12
N ILE B 7 11.95 15.10 -0.64
CA ILE B 7 10.92 14.14 -0.24
C ILE B 7 11.44 12.71 -0.14
N GLN B 8 10.93 11.98 0.83
CA GLN B 8 11.34 10.60 1.04
C GLN B 8 10.15 9.67 1.00
N GLY B 9 10.36 8.50 0.40
CA GLY B 9 9.33 7.49 0.33
C GLY B 9 9.98 6.27 0.96
N ASN B 10 9.41 5.75 2.06
CA ASN B 10 10.00 4.61 2.75
C ASN B 10 9.33 3.25 2.48
N ASP B 11 9.71 2.26 3.29
CA ASP B 11 9.17 0.90 3.17
C ASP B 11 7.75 0.79 3.72
N GLN B 12 7.37 1.72 4.60
CA GLN B 12 6.04 1.71 5.18
C GLN B 12 5.07 2.33 4.20
N MET B 13 5.53 2.49 2.95
CA MET B 13 4.70 3.03 1.88
C MET B 13 4.18 4.43 2.22
N GLN B 14 5.07 5.36 2.51
CA GLN B 14 4.64 6.72 2.85
C GLN B 14 5.62 7.85 2.52
N PHE B 15 5.07 9.02 2.21
CA PHE B 15 5.86 10.20 1.90
C PHE B 15 6.06 10.97 3.20
N ASN B 16 7.16 11.69 3.33
CA ASN B 16 7.41 12.45 4.55
C ASN B 16 6.79 13.85 4.50
N THR B 17 5.77 14.00 3.66
CA THR B 17 5.04 15.26 3.49
C THR B 17 3.73 14.97 2.75
N ASN B 18 2.69 15.76 3.03
CA ASN B 18 1.40 15.56 2.37
C ASN B 18 0.88 16.84 1.76
N ALA B 19 1.69 17.90 1.83
CA ALA B 19 1.29 19.17 1.26
C ALA B 19 2.51 19.99 0.84
N ILE B 20 2.47 20.49 -0.39
CA ILE B 20 3.56 21.30 -0.92
C ILE B 20 3.05 22.67 -1.34
N THR B 21 3.81 23.69 -1.02
CA THR B 21 3.44 25.04 -1.40
C THR B 21 4.51 25.58 -2.33
N VAL B 22 4.10 25.92 -3.54
CA VAL B 22 5.03 26.47 -4.52
C VAL B 22 4.86 27.98 -4.51
N ASP B 23 5.90 28.71 -4.09
CA ASP B 23 5.80 30.16 -4.04
C ASP B 23 5.76 30.75 -5.45
N LYS B 24 4.76 31.57 -5.69
CA LYS B 24 4.53 32.23 -6.96
C LYS B 24 5.75 33.00 -7.51
N SER B 25 6.70 33.35 -6.65
CA SER B 25 7.88 34.08 -7.10
C SER B 25 8.90 33.14 -7.74
N CYS B 26 8.63 31.84 -7.62
CA CYS B 26 9.50 30.83 -8.21
C CYS B 26 9.26 30.73 -9.70
N LYS B 27 10.33 30.61 -10.48
CA LYS B 27 10.19 30.48 -11.93
C LYS B 27 10.23 29.00 -12.29
N GLN B 28 10.92 28.23 -11.46
CA GLN B 28 11.06 26.78 -11.61
C GLN B 28 10.96 26.18 -10.21
N PHE B 29 10.61 24.90 -10.13
CA PHE B 29 10.50 24.22 -8.84
C PHE B 29 11.14 22.84 -8.97
N THR B 30 11.92 22.47 -7.97
CA THR B 30 12.61 21.18 -7.98
C THR B 30 12.18 20.28 -6.84
N VAL B 31 12.07 18.99 -7.14
CA VAL B 31 11.70 17.99 -6.14
C VAL B 31 12.76 16.90 -6.12
N ASN B 32 13.35 16.69 -4.95
CA ASN B 32 14.38 15.67 -4.81
C ASN B 32 13.81 14.47 -4.07
N LEU B 33 13.58 13.39 -4.81
CA LEU B 33 13.04 12.18 -4.21
C LEU B 33 14.14 11.17 -3.86
N SER B 34 14.08 10.61 -2.66
CA SER B 34 15.05 9.62 -2.22
C SER B 34 14.32 8.49 -1.50
N HIS B 35 14.85 7.26 -1.65
CA HIS B 35 14.23 6.08 -1.03
C HIS B 35 15.08 5.51 0.12
N PRO B 36 14.79 5.91 1.37
CA PRO B 36 15.52 5.44 2.56
C PRO B 36 15.22 4.02 3.02
N GLY B 37 14.40 3.29 2.25
CA GLY B 37 14.06 1.93 2.63
C GLY B 37 15.10 0.93 2.18
N ASN B 38 14.77 -0.36 2.25
CA ASN B 38 15.67 -1.42 1.85
C ASN B 38 15.04 -2.32 0.80
N LEU B 39 13.74 -2.11 0.58
CA LEU B 39 13.00 -2.90 -0.40
C LEU B 39 13.27 -2.43 -1.82
N PRO B 40 13.34 -3.36 -2.78
CA PRO B 40 13.60 -3.00 -4.18
C PRO B 40 12.42 -2.29 -4.84
N LYS B 41 12.71 -1.69 -5.99
CA LYS B 41 11.74 -0.97 -6.80
C LYS B 41 10.53 -1.84 -7.18
N CYS B 42 10.82 -3.09 -7.56
CA CYS B 42 9.80 -4.04 -7.98
C CYS B 42 8.73 -4.36 -6.93
N VAL B 43 9.04 -4.10 -5.67
CA VAL B 43 8.13 -4.38 -4.57
C VAL B 43 7.70 -3.13 -3.77
N MET B 44 8.54 -2.11 -3.73
CA MET B 44 8.23 -0.89 -2.99
C MET B 44 8.77 0.34 -3.73
N GLY B 45 8.62 0.33 -5.05
CA GLY B 45 9.08 1.45 -5.86
C GLY B 45 8.22 2.69 -5.69
N HIS B 46 8.85 3.85 -5.61
CA HIS B 46 8.13 5.11 -5.43
C HIS B 46 8.55 6.15 -6.46
N ASN B 47 7.57 6.90 -6.96
CA ASN B 47 7.83 7.99 -7.88
C ASN B 47 7.01 9.16 -7.37
N TRP B 48 7.32 10.37 -7.85
CA TRP B 48 6.59 11.56 -7.44
C TRP B 48 5.97 12.09 -8.73
N VAL B 49 4.65 12.02 -8.82
CA VAL B 49 3.92 12.44 -10.01
C VAL B 49 2.96 13.58 -9.70
N LEU B 50 2.95 14.59 -10.57
CA LEU B 50 2.09 15.75 -10.37
C LEU B 50 1.03 15.95 -11.45
N SER B 51 -0.22 16.15 -11.02
CA SER B 51 -1.31 16.40 -11.95
C SER B 51 -2.36 17.23 -11.20
N THR B 52 -3.42 17.60 -11.89
CA THR B 52 -4.50 18.33 -11.24
C THR B 52 -5.21 17.28 -10.39
N ALA B 53 -5.89 17.71 -9.33
CA ALA B 53 -6.59 16.78 -8.46
C ALA B 53 -7.55 15.92 -9.29
N ALA B 54 -8.21 16.52 -10.26
CA ALA B 54 -9.17 15.83 -11.11
C ALA B 54 -8.55 14.74 -11.98
N ASP B 55 -7.32 14.95 -12.44
CA ASP B 55 -6.66 13.98 -13.30
C ASP B 55 -5.96 12.84 -12.54
N MET B 56 -5.77 13.01 -11.24
CA MET B 56 -5.08 12.00 -10.45
C MET B 56 -5.58 10.58 -10.64
N GLN B 57 -6.85 10.32 -10.36
CA GLN B 57 -7.37 8.97 -10.51
C GLN B 57 -7.06 8.36 -11.88
N GLY B 58 -7.33 9.11 -12.94
CA GLY B 58 -7.07 8.62 -14.27
C GLY B 58 -5.61 8.24 -14.45
N VAL B 59 -4.71 9.15 -14.07
CA VAL B 59 -3.27 8.92 -14.16
C VAL B 59 -2.84 7.67 -13.40
N VAL B 60 -3.40 7.47 -12.21
CA VAL B 60 -3.06 6.33 -11.38
C VAL B 60 -3.51 5.02 -12.00
N THR B 61 -4.74 4.97 -12.48
CA THR B 61 -5.27 3.77 -13.11
C THR B 61 -4.47 3.35 -14.33
N ASP B 62 -4.27 4.27 -15.27
CA ASP B 62 -3.51 3.95 -16.48
C ASP B 62 -2.03 3.68 -16.16
N GLY B 63 -1.54 4.28 -15.08
CA GLY B 63 -0.15 4.08 -14.73
C GLY B 63 0.11 2.69 -14.15
N GLU B 64 -0.72 2.27 -13.21
CA GLU B 64 -0.55 0.96 -12.59
C GLU B 64 -0.66 -0.13 -13.64
N ALA B 65 -1.52 0.11 -14.63
CA ALA B 65 -1.73 -0.84 -15.71
C ALA B 65 -0.59 -0.86 -16.72
N SER B 66 0.32 0.10 -16.61
CA SER B 66 1.44 0.17 -17.55
C SER B 66 2.65 -0.70 -17.19
N GLY B 67 2.72 -1.18 -15.96
CA GLY B 67 3.84 -2.03 -15.57
C GLY B 67 5.10 -1.35 -15.10
N LEU B 68 5.97 -2.14 -14.46
CA LEU B 68 7.24 -1.65 -13.92
C LEU B 68 8.20 -1.11 -14.99
N ASP B 69 8.17 -1.71 -16.18
CA ASP B 69 9.06 -1.30 -17.26
C ASP B 69 8.80 0.12 -17.73
N LYS B 70 7.62 0.65 -17.42
CA LYS B 70 7.23 2.01 -17.81
C LYS B 70 7.24 2.93 -16.59
N ASP B 71 7.78 2.45 -15.47
CA ASP B 71 7.78 3.26 -14.25
C ASP B 71 6.32 3.53 -13.83
N TYR B 72 5.41 2.66 -14.26
CA TYR B 72 3.99 2.75 -13.95
C TYR B 72 3.32 4.07 -14.36
N LEU B 73 3.60 4.49 -15.59
CA LEU B 73 3.02 5.70 -16.13
C LEU B 73 2.66 5.44 -17.58
N LYS B 74 1.39 5.65 -17.94
CA LYS B 74 0.98 5.43 -19.32
C LYS B 74 1.86 6.33 -20.15
N PRO B 75 2.51 5.78 -21.19
CA PRO B 75 3.37 6.62 -22.03
C PRO B 75 2.60 7.82 -22.62
N ASP B 76 3.29 8.95 -22.77
CA ASP B 76 2.69 10.15 -23.33
C ASP B 76 1.40 10.60 -22.66
N ASP B 77 1.37 10.52 -21.33
CA ASP B 77 0.18 10.93 -20.60
C ASP B 77 0.31 12.45 -20.42
N SER B 78 -0.54 13.20 -21.10
CA SER B 78 -0.49 14.66 -21.04
C SER B 78 -1.06 15.24 -19.76
N ARG B 79 -1.56 14.37 -18.89
CA ARG B 79 -2.13 14.82 -17.62
C ARG B 79 -1.02 15.02 -16.59
N VAL B 80 0.12 14.38 -16.81
CA VAL B 80 1.24 14.49 -15.89
C VAL B 80 2.01 15.78 -16.12
N ILE B 81 1.89 16.71 -15.18
CA ILE B 81 2.57 18.00 -15.28
C ILE B 81 4.07 17.81 -15.09
N ALA B 82 4.45 16.92 -14.19
CA ALA B 82 5.86 16.63 -13.93
C ALA B 82 5.95 15.34 -13.12
N HIS B 83 7.14 14.75 -13.07
CA HIS B 83 7.34 13.52 -12.32
C HIS B 83 8.82 13.12 -12.31
N THR B 84 9.20 12.34 -11.31
CA THR B 84 10.56 11.82 -11.18
C THR B 84 10.47 10.38 -11.70
N LYS B 85 11.59 9.67 -11.71
CA LYS B 85 11.60 8.26 -12.14
C LYS B 85 11.12 7.42 -10.96
N LEU B 86 10.81 6.15 -11.20
CA LEU B 86 10.40 5.25 -10.14
C LEU B 86 11.72 4.78 -9.52
N ILE B 87 11.87 4.94 -8.21
CA ILE B 87 13.10 4.55 -7.54
C ILE B 87 12.93 3.47 -6.47
N GLY B 88 13.95 2.64 -6.30
CA GLY B 88 13.92 1.59 -5.31
C GLY B 88 14.72 2.01 -4.08
N SER B 89 15.02 1.05 -3.20
CA SER B 89 15.77 1.33 -1.99
C SER B 89 17.12 1.98 -2.28
N GLY B 90 17.48 2.96 -1.45
CA GLY B 90 18.76 3.65 -1.60
C GLY B 90 18.99 4.46 -2.87
N GLU B 91 17.94 4.67 -3.66
CA GLU B 91 18.09 5.45 -4.89
C GLU B 91 17.49 6.85 -4.74
N LYS B 92 17.78 7.72 -5.70
CA LYS B 92 17.27 9.07 -5.66
C LYS B 92 17.10 9.64 -7.06
N ASP B 93 16.23 10.63 -7.20
CA ASP B 93 15.99 11.26 -8.48
C ASP B 93 15.36 12.62 -8.27
N SER B 94 15.76 13.58 -9.08
CA SER B 94 15.22 14.93 -8.99
C SER B 94 14.49 15.31 -10.26
N VAL B 95 13.50 16.18 -10.09
CA VAL B 95 12.73 16.69 -11.20
C VAL B 95 12.58 18.20 -10.98
N THR B 96 12.69 18.95 -12.07
CA THR B 96 12.56 20.38 -12.05
C THR B 96 11.58 20.72 -13.16
N PHE B 97 10.64 21.61 -12.87
CA PHE B 97 9.66 22.00 -13.89
C PHE B 97 9.39 23.48 -13.82
N ASP B 98 8.78 24.03 -14.86
CA ASP B 98 8.48 25.45 -14.92
C ASP B 98 7.21 25.77 -14.16
N VAL B 99 7.33 26.64 -13.17
CA VAL B 99 6.18 27.04 -12.38
C VAL B 99 5.08 27.66 -13.25
N SER B 100 5.45 28.07 -14.46
CA SER B 100 4.48 28.65 -15.38
C SER B 100 3.43 27.62 -15.78
N LYS B 101 3.71 26.35 -15.49
CA LYS B 101 2.77 25.29 -15.81
C LYS B 101 1.67 25.17 -14.75
N LEU B 102 1.79 25.98 -13.71
CA LEU B 102 0.81 25.98 -12.63
C LEU B 102 0.03 27.30 -12.64
N LYS B 103 -1.25 27.24 -12.32
CA LYS B 103 -2.07 28.44 -12.26
C LYS B 103 -2.72 28.53 -10.88
N GLU B 104 -2.99 29.73 -10.41
CA GLU B 104 -3.59 29.90 -9.10
C GLU B 104 -5.07 29.51 -9.14
N GLY B 105 -5.57 29.05 -8.00
CA GLY B 105 -6.96 28.63 -7.91
C GLY B 105 -7.12 27.16 -8.24
N GLU B 106 -6.22 26.62 -9.06
CA GLU B 106 -6.29 25.21 -9.43
C GLU B 106 -5.79 24.32 -8.30
N GLN B 107 -6.41 23.16 -8.15
CA GLN B 107 -6.02 22.19 -7.12
C GLN B 107 -5.12 21.13 -7.74
N TYR B 108 -3.95 20.93 -7.14
CA TYR B 108 -2.99 19.95 -7.64
C TYR B 108 -2.72 18.85 -6.61
N MET B 109 -2.39 17.67 -7.11
CA MET B 109 -2.08 16.53 -6.26
C MET B 109 -0.79 15.88 -6.74
N PHE B 110 0.02 15.41 -5.79
CA PHE B 110 1.23 14.70 -6.14
C PHE B 110 0.98 13.32 -5.53
N PHE B 111 1.52 12.28 -6.14
CA PHE B 111 1.27 10.92 -5.67
C PHE B 111 2.24 9.94 -6.30
N CYS B 112 2.24 8.70 -5.80
CA CYS B 112 3.06 7.64 -6.35
C CYS B 112 2.11 6.77 -7.16
N THR B 113 2.54 6.32 -8.33
CA THR B 113 1.70 5.48 -9.17
C THR B 113 2.08 3.99 -9.13
N PHE B 114 2.80 3.59 -8.09
CA PHE B 114 3.13 2.18 -7.94
C PHE B 114 1.84 1.55 -7.43
N PRO B 115 1.39 0.45 -8.07
CA PRO B 115 0.16 -0.25 -7.69
C PRO B 115 -0.32 -0.08 -6.25
N GLY B 116 -1.45 0.61 -6.11
CA GLY B 116 -2.06 0.81 -4.80
C GLY B 116 -1.48 1.83 -3.84
N HIS B 117 -0.28 2.31 -4.10
CA HIS B 117 0.37 3.27 -3.22
C HIS B 117 -0.31 4.63 -3.06
N SER B 118 -0.94 5.13 -4.12
CA SER B 118 -1.61 6.43 -4.07
C SER B 118 -2.67 6.55 -2.97
N ALA B 119 -3.09 5.42 -2.41
CA ALA B 119 -4.09 5.43 -1.34
C ALA B 119 -3.51 6.17 -0.13
N LEU B 120 -2.22 5.97 0.11
CA LEU B 120 -1.55 6.62 1.22
C LEU B 120 -0.53 7.64 0.76
N MET B 121 0.13 7.34 -0.36
CA MET B 121 1.15 8.23 -0.92
C MET B 121 0.59 9.24 -1.90
N LYS B 122 0.10 10.34 -1.35
CA LYS B 122 -0.46 11.42 -2.14
C LYS B 122 -0.47 12.65 -1.26
N GLY B 123 -0.67 13.82 -1.86
CA GLY B 123 -0.68 15.04 -1.08
C GLY B 123 -1.07 16.17 -1.99
N THR B 124 -1.25 17.35 -1.42
CA THR B 124 -1.62 18.50 -2.23
C THR B 124 -0.41 19.35 -2.57
N LEU B 125 -0.53 20.08 -3.66
CA LEU B 125 0.49 21.02 -4.09
C LEU B 125 -0.29 22.26 -4.50
N THR B 126 0.10 23.42 -3.98
CA THR B 126 -0.61 24.67 -4.28
C THR B 126 0.33 25.79 -4.67
N LEU B 127 -0.11 26.60 -5.63
CA LEU B 127 0.66 27.75 -6.10
C LEU B 127 0.16 29.00 -5.37
N LYS B 128 0.83 29.39 -4.29
CA LYS B 128 0.44 30.57 -3.53
C LYS B 128 1.44 31.71 -3.71
#